data_8F8E
#
_entry.id   8F8E
#
_cell.length_a   48.865
_cell.length_b   88.084
_cell.length_c   73.562
_cell.angle_alpha   90.00
_cell.angle_beta   97.56
_cell.angle_gamma   90.00
#
_symmetry.space_group_name_H-M   'P 1 21 1'
#
loop_
_entity.id
_entity.type
_entity.pdbx_description
1 polymer 'DDB1- and CUL4-associated factor 1'
2 non-polymer (3P)-N-[(1S)-3-amino-1-(3-chloro-4-fluorophenyl)-3-oxopropyl]-3-(4-chloro-2-fluorophenyl)-1H-pyrazole-4-carboxamide
3 non-polymer 'CITRIC ACID'
4 water water
#
_entity_poly.entity_id   1
_entity_poly.type   'polypeptide(L)'
_entity_poly.pdbx_seq_one_letter_code
;GASAFRPISVFREANEDESGFTCCAFSARERFLMLGTCTGQLKLYNVFSGQEEASYNCHNSAITHLEPSRDGSLLLTSAT
WSQPLSALWGMKSVFDMKHSFTEDHYVEFSKHSQDRVIGTKGDIAHIYDIQTGNKLLTLFNPDLANNYKRNCATFNPTDD
LVLNDGVLWDVRSAQAIHKFDKFNMNISGVFHPNGLEVIINTEIWDLRTFHLLHTVPALDQCRVVFNHTGTVMYGAMLQA
DDEDDLMEERMKSPFGSSFRTFNATDYKPIATIDVKRNIFDLCTDTKDCYLAVIENQGSMDALNMDTVCRLYEVG
;
_entity_poly.pdbx_strand_id   A,B
#
# COMPACT_ATOMS: atom_id res chain seq x y z
N PHE A 5 16.99 -13.40 19.61
CA PHE A 5 17.08 -14.60 18.71
C PHE A 5 17.78 -15.75 19.45
N ARG A 6 16.98 -16.71 19.91
CA ARG A 6 17.43 -17.85 20.74
C ARG A 6 17.63 -19.05 19.83
N PRO A 7 18.88 -19.52 19.60
CA PRO A 7 19.08 -20.71 18.78
C PRO A 7 18.39 -21.94 19.39
N ILE A 8 17.74 -22.73 18.53
CA ILE A 8 17.00 -23.97 18.88
C ILE A 8 17.84 -25.16 18.43
N SER A 9 18.18 -25.25 17.14
CA SER A 9 18.73 -26.48 16.53
C SER A 9 19.32 -26.20 15.16
N VAL A 10 19.97 -27.19 14.56
CA VAL A 10 20.64 -27.07 13.24
C VAL A 10 20.14 -28.21 12.36
N PHE A 11 19.83 -27.88 11.10
CA PHE A 11 19.64 -28.85 10.00
C PHE A 11 20.95 -28.91 9.20
N ARG A 12 21.52 -30.12 9.02
CA ARG A 12 22.69 -30.29 8.13
C ARG A 12 22.36 -31.37 7.10
N GLU A 13 23.08 -31.38 5.98
CA GLU A 13 22.88 -32.38 4.89
C GLU A 13 23.29 -33.73 5.47
N ALA A 14 22.36 -34.69 5.49
CA ALA A 14 22.66 -36.12 5.72
C ALA A 14 23.59 -36.60 4.61
N ASN A 15 24.52 -37.51 4.91
CA ASN A 15 25.34 -38.25 3.92
C ASN A 15 26.39 -37.35 3.26
N GLU A 16 26.77 -36.25 3.91
CA GLU A 16 27.82 -35.31 3.41
C GLU A 16 28.71 -34.92 4.59
N ASP A 17 30.04 -34.98 4.43
CA ASP A 17 31.03 -34.51 5.44
C ASP A 17 30.78 -33.02 5.68
N GLU A 18 30.70 -32.24 4.60
CA GLU A 18 30.41 -30.78 4.64
C GLU A 18 29.01 -30.54 4.11
N SER A 19 28.22 -29.69 4.78
CA SER A 19 26.87 -29.26 4.35
C SER A 19 27.01 -28.20 3.24
N GLY A 20 26.06 -28.16 2.30
CA GLY A 20 26.15 -27.28 1.12
C GLY A 20 24.90 -26.45 0.92
N PHE A 21 24.17 -26.13 1.98
CA PHE A 21 22.96 -25.29 1.86
C PHE A 21 23.36 -23.88 1.42
N THR A 22 22.54 -23.27 0.56
CA THR A 22 22.80 -21.90 0.00
C THR A 22 21.60 -20.99 0.22
N CYS A 23 20.39 -21.49 0.42
CA CYS A 23 19.19 -20.63 0.62
C CYS A 23 18.09 -21.39 1.35
N CYS A 24 17.11 -20.67 1.88
CA CYS A 24 16.07 -21.24 2.78
C CYS A 24 14.76 -20.49 2.62
N ALA A 25 13.66 -21.24 2.71
CA ALA A 25 12.30 -20.69 2.86
C ALA A 25 11.47 -21.72 3.62
N PHE A 26 10.58 -21.27 4.47
CA PHE A 26 9.56 -22.16 5.08
C PHE A 26 8.51 -22.46 4.02
N SER A 27 7.96 -23.68 4.02
CA SER A 27 6.75 -24.03 3.24
C SER A 27 5.60 -23.13 3.69
N ALA A 28 4.61 -22.92 2.82
CA ALA A 28 3.49 -21.97 3.03
C ALA A 28 2.78 -22.28 4.35
N ARG A 29 2.66 -23.56 4.73
CA ARG A 29 2.00 -23.99 6.00
C ARG A 29 3.05 -24.40 7.05
N GLU A 30 4.35 -24.20 6.78
CA GLU A 30 5.45 -24.19 7.80
C GLU A 30 5.71 -25.61 8.34
N ARG A 31 5.20 -26.63 7.66
CA ARG A 31 5.50 -28.07 7.95
C ARG A 31 6.99 -28.34 7.70
N PHE A 32 7.52 -27.80 6.60
CA PHE A 32 8.91 -28.10 6.18
C PHE A 32 9.66 -26.82 5.89
N LEU A 33 10.97 -26.96 6.01
CA LEU A 33 11.96 -25.95 5.57
C LEU A 33 12.50 -26.42 4.22
N MET A 34 12.43 -25.56 3.22
CA MET A 34 12.96 -25.83 1.86
C MET A 34 14.36 -25.22 1.76
N LEU A 35 15.37 -26.04 1.53
CA LEU A 35 16.79 -25.63 1.50
C LEU A 35 17.37 -25.91 0.10
N GLY A 36 17.82 -24.85 -0.60
CA GLY A 36 18.59 -25.01 -1.85
C GLY A 36 20.02 -25.36 -1.55
N THR A 37 20.71 -26.07 -2.46
CA THR A 37 22.13 -26.45 -2.24
C THR A 37 23.06 -25.97 -3.34
N CYS A 38 24.36 -26.02 -3.05
CA CYS A 38 25.44 -25.58 -3.95
C CYS A 38 25.57 -26.54 -5.16
N THR A 39 24.85 -27.67 -5.18
CA THR A 39 24.85 -28.62 -6.33
C THR A 39 23.54 -28.53 -7.14
N GLY A 40 22.61 -27.65 -6.78
CA GLY A 40 21.36 -27.44 -7.52
C GLY A 40 20.20 -28.29 -7.01
N GLN A 41 20.35 -28.89 -5.82
CA GLN A 41 19.27 -29.71 -5.21
C GLN A 41 18.37 -28.80 -4.39
N LEU A 42 17.09 -29.15 -4.32
CA LEU A 42 16.14 -28.60 -3.33
C LEU A 42 15.84 -29.70 -2.30
N LYS A 43 16.16 -29.45 -1.03
CA LYS A 43 15.99 -30.47 0.04
C LYS A 43 14.88 -30.00 0.97
N LEU A 44 13.94 -30.88 1.28
CA LEU A 44 12.79 -30.61 2.20
C LEU A 44 13.14 -31.24 3.56
N TYR A 45 13.12 -30.44 4.64
CA TYR A 45 13.39 -30.92 6.02
C TYR A 45 12.13 -30.71 6.86
N ASN A 46 11.75 -31.75 7.62
CA ASN A 46 10.65 -31.65 8.60
C ASN A 46 11.12 -30.74 9.73
N VAL A 47 10.39 -29.65 10.00
CA VAL A 47 10.78 -28.63 11.01
C VAL A 47 10.73 -29.31 12.39
N PHE A 48 9.72 -30.15 12.64
CA PHE A 48 9.51 -30.80 13.96
C PHE A 48 10.63 -31.82 14.22
N SER A 49 10.91 -32.72 13.29
CA SER A 49 11.81 -33.91 13.47
C SER A 49 13.25 -33.61 13.08
N GLY A 50 13.48 -32.60 12.23
CA GLY A 50 14.82 -32.27 11.68
C GLY A 50 15.23 -33.18 10.53
N GLN A 51 14.35 -34.09 10.12
CA GLN A 51 14.63 -35.20 9.16
C GLN A 51 14.53 -34.69 7.71
N GLU A 52 15.48 -35.07 6.85
CA GLU A 52 15.38 -34.82 5.38
C GLU A 52 14.29 -35.72 4.76
N GLU A 53 13.27 -35.14 4.13
CA GLU A 53 12.07 -35.84 3.58
C GLU A 53 12.16 -36.03 2.07
N ALA A 54 12.88 -35.17 1.36
CA ALA A 54 13.03 -35.24 -0.13
C ALA A 54 14.24 -34.42 -0.57
N SER A 55 14.82 -34.80 -1.71
CA SER A 55 15.94 -34.09 -2.38
C SER A 55 15.64 -34.11 -3.88
N TYR A 56 15.31 -32.95 -4.44
CA TYR A 56 14.90 -32.80 -5.86
C TYR A 56 16.00 -32.13 -6.67
N ASN A 57 16.28 -32.67 -7.86
CA ASN A 57 17.27 -32.13 -8.81
C ASN A 57 16.63 -30.96 -9.55
N CYS A 58 16.96 -29.73 -9.17
CA CYS A 58 16.32 -28.52 -9.74
C CYS A 58 17.21 -27.85 -10.79
N HIS A 59 18.49 -27.70 -10.51
CA HIS A 59 19.44 -26.97 -11.39
C HIS A 59 20.78 -27.70 -11.46
N ASN A 60 21.56 -27.37 -12.49
CA ASN A 60 22.91 -27.94 -12.68
C ASN A 60 23.98 -27.00 -12.09
N SER A 61 23.58 -26.02 -11.27
CA SER A 61 24.52 -25.12 -10.56
C SER A 61 23.88 -24.76 -9.22
N ALA A 62 24.64 -24.07 -8.37
CA ALA A 62 24.19 -23.69 -7.02
C ALA A 62 22.87 -22.93 -7.10
N ILE A 63 21.91 -23.30 -6.26
CA ILE A 63 20.69 -22.47 -6.10
CA ILE A 63 20.67 -22.51 -6.01
C ILE A 63 21.07 -21.23 -5.27
N THR A 64 20.63 -20.07 -5.74
CA THR A 64 20.98 -18.78 -5.09
C THR A 64 19.83 -18.29 -4.24
N HIS A 65 18.59 -18.57 -4.66
CA HIS A 65 17.38 -17.96 -4.07
C HIS A 65 16.14 -18.80 -4.35
N LEU A 66 15.19 -18.81 -3.42
CA LEU A 66 13.93 -19.59 -3.49
C LEU A 66 12.80 -18.65 -3.11
N GLU A 67 11.60 -18.90 -3.64
CA GLU A 67 10.38 -18.25 -3.10
C GLU A 67 9.19 -19.19 -3.25
N PRO A 68 8.59 -19.67 -2.16
CA PRO A 68 7.34 -20.42 -2.25
C PRO A 68 6.15 -19.47 -2.43
N SER A 69 5.15 -19.89 -3.20
CA SER A 69 3.87 -19.14 -3.31
C SER A 69 3.11 -19.27 -1.98
N ARG A 70 2.30 -18.28 -1.63
CA ARG A 70 1.57 -18.26 -0.35
C ARG A 70 0.60 -19.44 -0.27
N ASP A 71 0.01 -19.88 -1.38
CA ASP A 71 -1.06 -20.91 -1.39
C ASP A 71 -0.43 -22.31 -1.29
N GLY A 72 0.89 -22.42 -1.37
CA GLY A 72 1.61 -23.69 -1.15
C GLY A 72 1.77 -24.52 -2.40
N SER A 73 1.30 -24.04 -3.55
CA SER A 73 1.21 -24.84 -4.81
C SER A 73 2.45 -24.65 -5.69
N LEU A 74 3.25 -23.61 -5.47
CA LEU A 74 4.31 -23.23 -6.46
C LEU A 74 5.58 -22.82 -5.73
N LEU A 75 6.71 -22.98 -6.41
CA LEU A 75 8.01 -22.54 -5.89
C LEU A 75 8.79 -21.93 -7.04
N LEU A 76 9.44 -20.79 -6.80
CA LEU A 76 10.45 -20.25 -7.73
C LEU A 76 11.85 -20.59 -7.21
N THR A 77 12.76 -20.91 -8.13
CA THR A 77 14.18 -21.08 -7.84
C THR A 77 15.00 -20.26 -8.84
N SER A 78 16.15 -19.80 -8.38
CA SER A 78 17.18 -19.17 -9.23
C SER A 78 18.50 -19.87 -8.95
N ALA A 79 19.33 -19.99 -9.98
CA ALA A 79 20.65 -20.62 -9.83
C ALA A 79 21.71 -19.67 -10.37
N THR A 80 22.93 -20.17 -10.52
CA THR A 80 24.15 -19.34 -10.65
C THR A 80 24.57 -19.25 -12.12
N TRP A 81 24.77 -20.40 -12.73
CA TRP A 81 25.37 -20.55 -14.09
C TRP A 81 24.40 -21.32 -14.97
N SER A 82 24.72 -21.37 -16.25
CA SER A 82 24.08 -22.30 -17.21
C SER A 82 22.60 -21.95 -17.35
N GLN A 83 21.77 -22.95 -17.68
CA GLN A 83 20.40 -22.76 -18.20
C GLN A 83 19.56 -23.94 -17.74
N PRO A 84 18.29 -23.75 -17.33
CA PRO A 84 17.69 -22.42 -17.16
C PRO A 84 18.17 -21.78 -15.86
N LEU A 85 18.29 -20.46 -15.83
CA LEU A 85 18.82 -19.76 -14.63
C LEU A 85 17.75 -19.77 -13.55
N SER A 86 16.49 -19.70 -13.92
CA SER A 86 15.38 -19.67 -12.94
C SER A 86 14.27 -20.60 -13.43
N ALA A 87 13.42 -21.04 -12.52
CA ALA A 87 12.32 -21.96 -12.87
C ALA A 87 11.19 -21.86 -11.85
N LEU A 88 10.04 -22.35 -12.26
CA LEU A 88 8.79 -22.44 -11.46
C LEU A 88 8.45 -23.93 -11.33
N TRP A 89 8.26 -24.38 -10.09
CA TRP A 89 7.99 -25.80 -9.73
C TRP A 89 6.59 -25.92 -9.14
N GLY A 90 5.87 -26.99 -9.51
CA GLY A 90 4.62 -27.38 -8.84
C GLY A 90 4.90 -28.15 -7.57
N MET A 91 4.23 -27.81 -6.47
CA MET A 91 4.50 -28.35 -5.11
C MET A 91 3.35 -29.29 -4.66
N LYS A 92 2.38 -29.55 -5.53
CA LYS A 92 1.12 -30.31 -5.20
C LYS A 92 1.22 -31.73 -5.77
N SER A 93 1.24 -32.74 -4.89
CA SER A 93 1.24 -34.19 -5.20
C SER A 93 2.60 -34.60 -5.79
N VAL A 94 2.89 -34.25 -7.04
CA VAL A 94 4.19 -34.57 -7.73
C VAL A 94 4.98 -33.26 -7.88
N PHE A 95 6.23 -33.25 -7.41
CA PHE A 95 7.18 -32.12 -7.64
C PHE A 95 7.62 -32.17 -9.10
N ASP A 96 7.35 -31.12 -9.89
CA ASP A 96 7.69 -31.07 -11.33
C ASP A 96 7.98 -29.63 -11.73
N MET A 97 8.65 -29.44 -12.87
CA MET A 97 8.87 -28.09 -13.44
C MET A 97 7.61 -27.67 -14.20
N LYS A 98 7.01 -26.54 -13.82
CA LYS A 98 5.88 -25.94 -14.57
C LYS A 98 6.43 -25.13 -15.74
N HIS A 99 7.39 -24.24 -15.51
CA HIS A 99 7.99 -23.37 -16.55
C HIS A 99 9.43 -23.01 -16.18
N SER A 100 10.24 -22.68 -17.18
CA SER A 100 11.60 -22.14 -17.00
C SER A 100 11.64 -20.67 -17.44
N PHE A 101 12.54 -19.90 -16.83
CA PHE A 101 12.87 -18.50 -17.18
C PHE A 101 14.37 -18.48 -17.49
N THR A 102 14.75 -18.90 -18.70
CA THR A 102 16.14 -19.35 -19.00
CA THR A 102 16.14 -19.36 -19.01
C THR A 102 17.17 -18.25 -18.72
N GLU A 103 16.83 -17.00 -19.02
CA GLU A 103 17.72 -15.82 -19.08
C GLU A 103 17.77 -15.05 -17.76
N ASP A 104 16.87 -15.34 -16.82
CA ASP A 104 16.63 -14.46 -15.65
C ASP A 104 17.41 -15.00 -14.43
N HIS A 105 18.37 -14.26 -13.90
N HIS A 105 18.36 -14.22 -13.93
CA HIS A 105 19.20 -14.73 -12.75
CA HIS A 105 19.24 -14.55 -12.78
C HIS A 105 18.48 -14.50 -11.41
C HIS A 105 18.44 -14.58 -11.47
N TYR A 106 17.33 -13.84 -11.43
CA TYR A 106 16.53 -13.61 -10.21
C TYR A 106 15.07 -13.58 -10.63
N VAL A 107 14.20 -14.16 -9.80
CA VAL A 107 12.73 -14.15 -10.06
C VAL A 107 12.00 -13.96 -8.72
N GLU A 108 10.86 -13.28 -8.80
CA GLU A 108 9.91 -13.09 -7.68
C GLU A 108 8.49 -13.31 -8.20
N PHE A 109 7.60 -13.72 -7.30
CA PHE A 109 6.14 -13.68 -7.58
C PHE A 109 5.66 -12.22 -7.52
N SER A 110 4.59 -11.91 -8.24
CA SER A 110 3.73 -10.75 -7.92
C SER A 110 3.21 -10.92 -6.49
N LYS A 111 2.75 -9.84 -5.88
CA LYS A 111 2.59 -9.73 -4.40
CA LYS A 111 2.59 -9.78 -4.40
C LYS A 111 1.12 -9.87 -4.00
N HIS A 112 0.24 -9.07 -4.61
CA HIS A 112 -1.18 -9.02 -4.17
C HIS A 112 -1.91 -10.28 -4.67
N SER A 113 -1.87 -10.50 -5.98
CA SER A 113 -2.39 -11.72 -6.63
C SER A 113 -1.18 -12.40 -7.26
N GLN A 114 -0.84 -13.59 -6.79
CA GLN A 114 0.38 -14.30 -7.24
C GLN A 114 0.09 -15.04 -8.54
N ASP A 115 -0.23 -14.30 -9.61
CA ASP A 115 -0.54 -14.87 -10.95
C ASP A 115 0.59 -14.57 -11.92
N ARG A 116 1.64 -13.85 -11.49
CA ARG A 116 2.71 -13.42 -12.40
C ARG A 116 4.07 -13.64 -11.72
N VAL A 117 5.09 -13.76 -12.57
CA VAL A 117 6.50 -13.83 -12.11
C VAL A 117 7.23 -12.64 -12.69
N ILE A 118 8.08 -11.97 -11.92
CA ILE A 118 8.97 -10.94 -12.50
C ILE A 118 10.41 -11.47 -12.43
N GLY A 119 11.06 -11.50 -13.58
CA GLY A 119 12.44 -11.93 -13.69
C GLY A 119 13.35 -10.77 -14.06
N THR A 120 14.62 -10.88 -13.68
CA THR A 120 15.64 -9.86 -13.95
C THR A 120 16.76 -10.49 -14.79
N LYS A 121 17.13 -9.83 -15.87
CA LYS A 121 18.32 -10.14 -16.69
C LYS A 121 19.14 -8.85 -16.85
N GLY A 122 20.20 -8.69 -16.07
CA GLY A 122 20.98 -7.44 -15.99
C GLY A 122 20.08 -6.27 -15.64
N ASP A 123 20.02 -5.27 -16.51
CA ASP A 123 19.21 -4.03 -16.36
C ASP A 123 17.74 -4.21 -16.78
N ILE A 124 17.33 -5.40 -17.24
CA ILE A 124 16.03 -5.61 -17.93
C ILE A 124 15.11 -6.42 -17.01
N ALA A 125 13.84 -6.03 -16.89
CA ALA A 125 12.79 -6.80 -16.19
C ALA A 125 11.89 -7.51 -17.21
N HIS A 126 11.56 -8.76 -16.94
CA HIS A 126 10.61 -9.59 -17.70
C HIS A 126 9.43 -9.94 -16.80
N ILE A 127 8.18 -9.78 -17.26
CA ILE A 127 6.98 -10.23 -16.50
C ILE A 127 6.36 -11.38 -17.28
N TYR A 128 6.10 -12.48 -16.59
CA TYR A 128 5.55 -13.73 -17.15
C TYR A 128 4.21 -14.06 -16.50
N ASP A 129 3.33 -14.71 -17.26
CA ASP A 129 2.10 -15.36 -16.75
C ASP A 129 2.45 -16.70 -16.14
N ILE A 130 1.94 -17.01 -14.95
CA ILE A 130 2.28 -18.27 -14.24
C ILE A 130 1.68 -19.47 -14.99
N GLN A 131 0.47 -19.33 -15.52
CA GLN A 131 -0.26 -20.49 -16.12
C GLN A 131 0.40 -20.88 -17.44
N THR A 132 0.60 -19.90 -18.34
CA THR A 132 1.12 -20.12 -19.70
C THR A 132 2.64 -20.12 -19.71
N GLY A 133 3.28 -19.45 -18.74
CA GLY A 133 4.73 -19.16 -18.78
C GLY A 133 5.09 -18.10 -19.82
N ASN A 134 4.11 -17.54 -20.53
CA ASN A 134 4.34 -16.57 -21.62
C ASN A 134 4.90 -15.26 -21.04
N LYS A 135 5.84 -14.64 -21.76
CA LYS A 135 6.37 -13.30 -21.41
C LYS A 135 5.31 -12.27 -21.79
N LEU A 136 4.75 -11.57 -20.79
CA LEU A 136 3.70 -10.55 -21.00
C LEU A 136 4.30 -9.17 -21.27
N LEU A 137 5.41 -8.81 -20.63
CA LEU A 137 6.03 -7.46 -20.72
C LEU A 137 7.54 -7.57 -20.56
N THR A 138 8.25 -6.71 -21.26
CA THR A 138 9.67 -6.39 -21.05
C THR A 138 9.78 -4.93 -20.65
N LEU A 139 10.38 -4.63 -19.51
CA LEU A 139 10.51 -3.25 -18.99
C LEU A 139 11.98 -2.87 -19.02
N PHE A 140 12.31 -1.93 -19.90
CA PHE A 140 13.67 -1.37 -20.03
C PHE A 140 13.55 -0.04 -20.77
N ASN A 141 14.06 1.01 -20.18
CA ASN A 141 14.10 2.37 -20.79
C ASN A 141 15.55 2.83 -20.76
N PRO A 142 16.25 2.83 -21.91
CA PRO A 142 17.69 3.09 -21.90
C PRO A 142 18.01 4.53 -21.47
N ASP A 143 17.06 5.45 -21.54
N ASP A 143 17.05 5.44 -21.63
CA ASP A 143 17.31 6.86 -21.15
CA ASP A 143 17.10 6.86 -21.17
C ASP A 143 17.23 7.02 -19.61
C ASP A 143 17.43 6.86 -19.66
N LEU A 144 16.74 5.99 -18.90
CA LEU A 144 16.61 6.09 -17.41
C LEU A 144 17.46 5.04 -16.68
N ALA A 145 18.16 4.15 -17.38
CA ALA A 145 18.96 3.06 -16.77
C ALA A 145 19.96 3.61 -15.75
N ASN A 146 20.10 2.93 -14.61
CA ASN A 146 21.17 3.17 -13.62
C ASN A 146 22.28 2.13 -13.75
N ASN A 147 22.04 1.00 -14.44
CA ASN A 147 23.02 -0.10 -14.63
C ASN A 147 23.52 -0.59 -13.26
N TYR A 148 22.64 -0.75 -12.26
CA TYR A 148 23.01 -1.35 -10.97
C TYR A 148 23.56 -2.77 -11.17
N LYS A 149 24.70 -3.08 -10.55
CA LYS A 149 25.42 -4.36 -10.76
C LYS A 149 24.64 -5.53 -10.14
N ARG A 150 23.79 -5.30 -9.13
CA ARG A 150 23.02 -6.36 -8.41
C ARG A 150 21.52 -6.05 -8.54
N ASN A 151 21.14 -5.49 -9.68
CA ASN A 151 19.72 -5.13 -9.96
C ASN A 151 18.81 -6.35 -9.75
N CYS A 152 17.69 -6.14 -9.07
CA CYS A 152 16.64 -7.14 -8.88
C CYS A 152 15.28 -6.45 -9.04
N ALA A 153 14.56 -6.75 -10.10
CA ALA A 153 13.25 -6.12 -10.38
C ALA A 153 12.19 -6.71 -9.44
N THR A 154 11.24 -5.90 -9.02
CA THR A 154 10.26 -6.30 -7.99
C THR A 154 8.93 -5.56 -8.24
N PHE A 155 7.83 -6.21 -7.97
CA PHE A 155 6.50 -5.58 -7.91
C PHE A 155 6.28 -4.85 -6.57
N ASN A 156 5.45 -3.83 -6.57
CA ASN A 156 5.00 -3.25 -5.29
C ASN A 156 3.87 -4.12 -4.73
N PRO A 157 3.42 -3.86 -3.48
CA PRO A 157 2.41 -4.71 -2.84
C PRO A 157 1.09 -4.84 -3.60
N THR A 158 0.67 -3.84 -4.35
CA THR A 158 -0.61 -3.87 -5.10
C THR A 158 -0.42 -4.48 -6.50
N ASP A 159 0.84 -4.71 -6.92
CA ASP A 159 1.22 -5.21 -8.27
C ASP A 159 0.98 -4.15 -9.35
N ASP A 160 0.61 -2.90 -8.99
CA ASP A 160 0.41 -1.83 -9.99
C ASP A 160 1.72 -1.27 -10.50
N LEU A 161 2.77 -1.34 -9.69
CA LEU A 161 4.09 -0.73 -9.98
C LEU A 161 5.18 -1.80 -9.98
N VAL A 162 6.26 -1.49 -10.69
CA VAL A 162 7.53 -2.27 -10.64
C VAL A 162 8.68 -1.30 -10.39
N LEU A 163 9.67 -1.72 -9.62
CA LEU A 163 10.97 -1.02 -9.53
C LEU A 163 11.95 -1.92 -10.26
N ASN A 164 12.63 -1.37 -11.27
CA ASN A 164 13.67 -2.09 -12.03
C ASN A 164 14.81 -1.13 -12.26
N ASP A 165 15.98 -1.45 -11.71
CA ASP A 165 17.22 -0.66 -11.90
C ASP A 165 16.99 0.77 -11.40
N GLY A 166 16.24 0.92 -10.30
CA GLY A 166 15.94 2.21 -9.67
C GLY A 166 14.97 3.05 -10.49
N VAL A 167 14.32 2.46 -11.49
CA VAL A 167 13.26 3.14 -12.29
C VAL A 167 11.90 2.58 -11.87
N LEU A 168 10.98 3.49 -11.61
CA LEU A 168 9.59 3.16 -11.23
C LEU A 168 8.76 3.08 -12.50
N TRP A 169 8.04 1.96 -12.64
CA TRP A 169 7.20 1.67 -13.82
C TRP A 169 5.75 1.52 -13.39
N ASP A 170 4.84 2.07 -14.21
CA ASP A 170 3.40 1.74 -14.12
C ASP A 170 3.17 0.49 -14.98
N VAL A 171 2.81 -0.62 -14.36
CA VAL A 171 2.69 -1.95 -15.03
C VAL A 171 1.54 -1.86 -16.05
N ARG A 172 0.48 -1.14 -15.71
CA ARG A 172 -0.77 -1.11 -16.53
C ARG A 172 -0.50 -0.41 -17.86
N SER A 173 0.29 0.67 -17.88
CA SER A 173 0.65 1.42 -19.11
C SER A 173 1.98 0.94 -19.68
N ALA A 174 2.77 0.18 -18.90
CA ALA A 174 4.14 -0.25 -19.26
C ALA A 174 5.00 0.96 -19.61
N GLN A 175 4.86 2.06 -18.86
CA GLN A 175 5.64 3.31 -19.02
C GLN A 175 6.39 3.59 -17.72
N ALA A 176 7.61 4.09 -17.84
CA ALA A 176 8.43 4.58 -16.72
C ALA A 176 7.77 5.85 -16.20
N ILE A 177 7.51 5.93 -14.90
CA ILE A 177 6.92 7.16 -14.32
C ILE A 177 7.99 7.99 -13.59
N HIS A 178 9.13 7.42 -13.18
CA HIS A 178 10.18 8.17 -12.44
C HIS A 178 11.48 7.38 -12.39
N LYS A 179 12.60 8.05 -12.58
CA LYS A 179 13.95 7.51 -12.32
C LYS A 179 14.43 8.05 -10.98
N PHE A 180 14.72 7.16 -10.04
CA PHE A 180 15.45 7.51 -8.81
C PHE A 180 16.93 7.55 -9.16
N ASP A 181 17.61 8.63 -8.79
CA ASP A 181 19.03 8.81 -9.17
C ASP A 181 19.94 7.85 -8.39
N LYS A 182 21.10 7.60 -8.96
CA LYS A 182 22.06 6.55 -8.57
C LYS A 182 23.05 7.09 -7.54
N PHE A 183 23.09 6.54 -6.34
CA PHE A 183 24.06 6.93 -5.28
C PHE A 183 24.86 5.72 -4.77
N ASN A 184 24.83 4.60 -5.49
CA ASN A 184 25.65 3.41 -5.17
C ASN A 184 25.75 2.60 -6.47
N MET A 185 26.64 1.63 -6.54
CA MET A 185 26.93 0.92 -7.81
C MET A 185 26.08 -0.36 -7.92
N ASN A 186 25.50 -0.85 -6.82
CA ASN A 186 25.05 -2.27 -6.72
C ASN A 186 23.53 -2.41 -6.50
N ILE A 187 22.99 -1.80 -5.44
CA ILE A 187 21.61 -2.07 -4.89
C ILE A 187 20.57 -1.21 -5.62
N SER A 188 19.52 -1.85 -6.16
CA SER A 188 18.48 -1.22 -7.01
C SER A 188 17.23 -0.87 -6.22
N GLY A 189 17.04 -1.52 -5.07
CA GLY A 189 15.97 -1.15 -4.13
C GLY A 189 14.72 -2.01 -4.16
N VAL A 190 13.87 -1.73 -3.19
CA VAL A 190 12.62 -2.48 -2.92
C VAL A 190 11.52 -1.51 -2.52
N PHE A 191 10.30 -1.97 -2.59
CA PHE A 191 9.13 -1.28 -1.99
C PHE A 191 9.01 -1.66 -0.52
N HIS A 192 8.70 -0.66 0.32
CA HIS A 192 8.29 -0.90 1.71
C HIS A 192 6.91 -1.54 1.66
N PRO A 193 6.63 -2.56 2.48
CA PRO A 193 5.27 -3.12 2.52
C PRO A 193 4.17 -2.15 2.94
N ASN A 194 4.52 -0.98 3.52
CA ASN A 194 3.55 0.07 3.91
C ASN A 194 2.92 0.72 2.67
N GLY A 195 3.50 0.50 1.49
CA GLY A 195 2.96 1.06 0.24
C GLY A 195 3.28 2.53 0.00
N LEU A 196 4.07 3.18 0.87
CA LEU A 196 4.25 4.66 0.85
C LEU A 196 5.67 5.04 0.47
N GLU A 197 6.62 4.10 0.57
CA GLU A 197 8.06 4.43 0.51
C GLU A 197 8.76 3.43 -0.39
N VAL A 198 9.86 3.85 -1.00
N VAL A 198 9.85 3.88 -1.01
CA VAL A 198 10.81 2.93 -1.70
CA VAL A 198 10.83 3.08 -1.77
C VAL A 198 12.18 3.08 -1.07
C VAL A 198 12.10 3.08 -0.93
N ILE A 199 12.77 1.94 -0.80
CA ILE A 199 14.02 1.81 -0.03
C ILE A 199 15.10 1.46 -1.05
N ILE A 200 15.93 2.42 -1.42
CA ILE A 200 17.02 2.18 -2.41
C ILE A 200 18.36 2.39 -1.74
N ASN A 201 18.98 1.28 -1.35
CA ASN A 201 20.24 1.35 -0.57
C ASN A 201 19.98 2.20 0.69
N THR A 202 20.73 3.30 0.88
CA THR A 202 20.61 4.17 2.08
C THR A 202 19.48 5.19 1.92
N GLU A 203 18.86 5.33 0.74
CA GLU A 203 17.86 6.41 0.52
C GLU A 203 16.45 5.85 0.70
N ILE A 204 15.64 6.55 1.49
CA ILE A 204 14.18 6.29 1.62
C ILE A 204 13.47 7.38 0.84
N TRP A 205 12.82 7.03 -0.27
CA TRP A 205 12.08 7.99 -1.11
C TRP A 205 10.58 7.87 -0.86
N ASP A 206 9.89 8.99 -0.92
CA ASP A 206 8.42 9.02 -0.93
C ASP A 206 7.95 8.46 -2.27
N LEU A 207 7.12 7.42 -2.25
CA LEU A 207 6.68 6.78 -3.53
C LEU A 207 5.82 7.75 -4.34
N ARG A 208 5.05 8.61 -3.68
CA ARG A 208 4.05 9.45 -4.40
C ARG A 208 4.68 10.75 -4.89
N THR A 209 5.48 11.43 -4.07
CA THR A 209 6.05 12.76 -4.43
C THR A 209 7.48 12.63 -4.96
N PHE A 210 8.17 11.52 -4.65
CA PHE A 210 9.56 11.19 -5.07
C PHE A 210 10.57 11.99 -4.25
N HIS A 211 10.14 12.76 -3.26
CA HIS A 211 11.10 13.50 -2.40
C HIS A 211 11.83 12.52 -1.49
N LEU A 212 13.06 12.86 -1.12
CA LEU A 212 13.83 12.09 -0.11
C LEU A 212 13.18 12.28 1.25
N LEU A 213 12.97 11.19 1.97
CA LEU A 213 12.36 11.20 3.34
C LEU A 213 13.45 10.96 4.40
N HIS A 214 14.34 10.00 4.18
CA HIS A 214 15.37 9.62 5.18
C HIS A 214 16.64 9.12 4.50
N THR A 215 17.74 9.22 5.23
CA THR A 215 19.03 8.58 4.93
C THR A 215 19.26 7.53 6.00
N VAL A 216 19.56 6.30 5.62
CA VAL A 216 19.71 5.20 6.61
C VAL A 216 21.04 4.55 6.33
N PRO A 217 22.16 5.06 6.91
CA PRO A 217 23.49 4.55 6.59
C PRO A 217 23.65 3.03 6.77
N ALA A 218 23.03 2.45 7.79
CA ALA A 218 23.18 1.02 8.13
C ALA A 218 22.64 0.17 6.98
N LEU A 219 21.82 0.70 6.07
CA LEU A 219 21.28 -0.11 4.96
C LEU A 219 22.23 -0.20 3.77
N ASP A 220 23.43 0.42 3.82
CA ASP A 220 24.33 0.42 2.66
C ASP A 220 24.67 -1.01 2.24
N GLN A 221 24.47 -1.32 0.97
CA GLN A 221 24.78 -2.64 0.37
C GLN A 221 23.97 -3.75 1.02
N CYS A 222 22.80 -3.46 1.58
CA CYS A 222 22.00 -4.51 2.22
C CYS A 222 20.92 -5.05 1.28
N ARG A 223 20.67 -6.34 1.40
CA ARG A 223 19.38 -6.95 1.06
C ARG A 223 18.49 -6.89 2.29
N VAL A 224 17.18 -6.79 2.09
CA VAL A 224 16.21 -6.65 3.20
C VAL A 224 15.06 -7.62 3.01
N VAL A 225 14.48 -7.99 4.13
CA VAL A 225 13.21 -8.77 4.16
C VAL A 225 12.45 -8.33 5.40
N PHE A 226 11.13 -8.30 5.31
CA PHE A 226 10.24 -7.85 6.41
C PHE A 226 9.62 -9.06 7.09
N ASN A 227 9.28 -8.90 8.36
CA ASN A 227 8.36 -9.84 9.03
C ASN A 227 6.98 -9.72 8.35
N HIS A 228 6.09 -10.68 8.58
CA HIS A 228 4.84 -10.78 7.79
C HIS A 228 3.84 -9.68 8.15
N THR A 229 3.98 -9.00 9.30
CA THR A 229 3.16 -7.84 9.71
C THR A 229 3.78 -6.53 9.21
N GLY A 230 5.01 -6.57 8.72
CA GLY A 230 5.71 -5.38 8.17
C GLY A 230 6.08 -4.37 9.24
N THR A 231 6.35 -4.81 10.48
CA THR A 231 6.76 -3.95 11.61
C THR A 231 8.28 -4.01 11.80
N VAL A 232 8.92 -5.06 11.30
CA VAL A 232 10.38 -5.29 11.50
C VAL A 232 11.01 -5.60 10.15
N MET A 233 12.13 -4.94 9.87
CA MET A 233 12.97 -5.14 8.68
C MET A 233 14.30 -5.76 9.10
N TYR A 234 14.69 -6.86 8.42
CA TYR A 234 15.99 -7.53 8.54
C TYR A 234 16.85 -7.07 7.38
N GLY A 235 18.11 -6.72 7.63
CA GLY A 235 19.07 -6.29 6.61
C GLY A 235 20.41 -6.94 6.83
N ALA A 236 21.03 -7.41 5.76
CA ALA A 236 22.37 -7.98 5.80
C ALA A 236 23.18 -7.40 4.64
N MET A 237 24.41 -7.03 4.94
CA MET A 237 25.27 -6.36 3.96
C MET A 237 25.92 -7.39 3.04
N LEU A 238 25.83 -7.19 1.73
CA LEU A 238 26.51 -8.05 0.74
C LEU A 238 28.03 -8.02 0.98
N GLN A 239 28.74 -9.12 0.72
CA GLN A 239 30.22 -9.14 0.77
C GLN A 239 30.76 -8.20 -0.30
N LYS A 252 31.88 -17.88 -2.71
CA LYS A 252 31.99 -17.19 -1.40
C LYS A 252 30.57 -16.87 -0.90
N SER A 253 30.44 -16.48 0.37
CA SER A 253 29.12 -16.15 0.98
C SER A 253 28.59 -14.87 0.35
N PRO A 254 27.28 -14.79 0.05
CA PRO A 254 26.69 -13.55 -0.44
C PRO A 254 26.78 -12.44 0.62
N PHE A 255 26.72 -12.78 1.91
CA PHE A 255 26.68 -11.78 3.01
C PHE A 255 27.87 -11.96 3.96
N GLY A 256 28.06 -10.97 4.83
CA GLY A 256 28.97 -11.06 5.98
C GLY A 256 28.41 -11.92 7.11
N SER A 257 28.94 -11.74 8.31
CA SER A 257 28.67 -12.59 9.50
C SER A 257 27.59 -11.96 10.40
N SER A 258 26.99 -10.85 9.98
CA SER A 258 25.97 -10.19 10.84
C SER A 258 24.75 -9.79 10.02
N PHE A 259 23.62 -9.69 10.70
CA PHE A 259 22.42 -9.00 10.17
C PHE A 259 21.91 -8.05 11.25
N ARG A 260 21.08 -7.11 10.84
CA ARG A 260 20.50 -6.10 11.75
C ARG A 260 18.99 -6.09 11.57
N THR A 261 18.27 -5.85 12.66
CA THR A 261 16.82 -5.63 12.62
C THR A 261 16.61 -4.12 12.81
N PHE A 262 15.57 -3.64 12.15
CA PHE A 262 15.13 -2.22 12.18
C PHE A 262 13.64 -2.16 12.43
N ASN A 263 13.22 -1.12 13.13
CA ASN A 263 11.81 -0.72 13.24
C ASN A 263 11.35 -0.27 11.84
N ALA A 264 10.36 -0.94 11.28
CA ALA A 264 9.93 -0.68 9.88
C ALA A 264 9.30 0.69 9.75
N THR A 265 8.80 1.30 10.83
CA THR A 265 8.05 2.58 10.76
C THR A 265 8.99 3.78 10.77
N ASP A 266 10.14 3.68 11.43
CA ASP A 266 11.07 4.82 11.59
C ASP A 266 12.52 4.48 11.17
N TYR A 267 12.79 3.25 10.74
CA TYR A 267 14.12 2.80 10.21
C TYR A 267 15.20 2.85 11.30
N LYS A 268 14.80 2.89 12.56
CA LYS A 268 15.77 2.89 13.69
C LYS A 268 16.17 1.44 13.98
N PRO A 269 17.48 1.14 14.12
CA PRO A 269 17.92 -0.22 14.42
C PRO A 269 17.35 -0.72 15.75
N ILE A 270 17.03 -2.01 15.81
CA ILE A 270 16.48 -2.71 17.03
C ILE A 270 17.61 -3.56 17.62
N ALA A 271 18.26 -4.38 16.80
CA ALA A 271 19.32 -5.32 17.25
C ALA A 271 20.35 -5.51 16.14
N THR A 272 21.59 -5.81 16.55
CA THR A 272 22.69 -6.22 15.67
C THR A 272 23.08 -7.63 16.09
N ILE A 273 22.92 -8.60 15.19
CA ILE A 273 23.09 -10.04 15.48
C ILE A 273 24.34 -10.50 14.74
N ASP A 274 25.43 -10.72 15.47
CA ASP A 274 26.70 -11.24 14.91
C ASP A 274 26.74 -12.74 15.20
N VAL A 275 26.54 -13.57 14.18
CA VAL A 275 26.54 -15.06 14.36
C VAL A 275 27.99 -15.54 14.24
N LYS A 276 28.91 -14.67 13.84
CA LYS A 276 30.38 -14.91 13.75
C LYS A 276 30.65 -16.04 12.75
N ARG A 277 29.71 -16.23 11.83
CA ARG A 277 29.78 -17.18 10.70
C ARG A 277 29.18 -16.44 9.52
N ASN A 278 29.79 -16.53 8.33
CA ASN A 278 29.25 -15.88 7.11
C ASN A 278 27.86 -16.42 6.80
N ILE A 279 26.96 -15.54 6.36
CA ILE A 279 25.52 -15.82 6.13
C ILE A 279 25.27 -15.96 4.63
N PHE A 280 24.46 -16.94 4.27
CA PHE A 280 24.04 -17.19 2.88
C PHE A 280 22.61 -16.69 2.66
N ASP A 281 21.73 -16.80 3.66
CA ASP A 281 20.29 -16.48 3.50
C ASP A 281 19.64 -16.48 4.87
N LEU A 282 18.47 -15.86 4.99
CA LEU A 282 17.63 -16.04 6.18
C LEU A 282 16.17 -15.89 5.75
N CYS A 283 15.30 -16.46 6.56
CA CYS A 283 13.84 -16.42 6.31
C CYS A 283 13.12 -16.55 7.65
N THR A 284 11.86 -16.12 7.69
CA THR A 284 10.97 -16.35 8.84
C THR A 284 9.73 -17.08 8.35
N ASP A 285 9.01 -17.69 9.29
CA ASP A 285 7.73 -18.37 9.03
C ASP A 285 6.64 -17.30 9.00
N THR A 286 5.46 -17.62 8.46
CA THR A 286 4.30 -16.69 8.31
C THR A 286 3.94 -16.09 9.67
N LYS A 287 4.06 -16.88 10.74
CA LYS A 287 3.71 -16.47 12.13
C LYS A 287 4.87 -15.68 12.78
N ASP A 288 6.05 -15.67 12.15
CA ASP A 288 7.27 -14.99 12.67
C ASP A 288 7.56 -15.49 14.10
N CYS A 289 7.39 -16.79 14.32
CA CYS A 289 7.83 -17.50 15.54
C CYS A 289 9.30 -17.94 15.39
N TYR A 290 9.73 -18.21 14.15
CA TYR A 290 11.03 -18.84 13.85
C TYR A 290 11.80 -18.01 12.83
N LEU A 291 13.12 -18.03 12.96
CA LEU A 291 14.07 -17.46 11.97
C LEU A 291 15.00 -18.59 11.59
N ALA A 292 15.17 -18.83 10.30
CA ALA A 292 16.17 -19.80 9.82
C ALA A 292 17.29 -19.03 9.14
N VAL A 293 18.54 -19.37 9.41
CA VAL A 293 19.73 -18.69 8.84
C VAL A 293 20.68 -19.76 8.30
N ILE A 294 21.13 -19.61 7.06
CA ILE A 294 22.18 -20.48 6.48
C ILE A 294 23.51 -19.84 6.86
N GLU A 295 24.32 -20.56 7.62
CA GLU A 295 25.56 -20.06 8.25
C GLU A 295 26.71 -21.01 7.88
N ASN A 296 27.85 -20.45 7.50
CA ASN A 296 29.07 -21.26 7.23
C ASN A 296 29.76 -21.60 8.56
N GLN A 297 29.70 -22.86 8.97
CA GLN A 297 30.41 -23.43 10.16
C GLN A 297 31.89 -23.64 9.85
N GLY A 298 32.26 -23.73 8.56
CA GLY A 298 33.60 -24.13 8.08
C GLY A 298 34.65 -23.10 8.43
N MET A 305 33.90 -24.86 2.97
CA MET A 305 32.44 -24.55 3.00
C MET A 305 31.71 -25.68 3.74
N ASP A 306 31.05 -25.36 4.85
CA ASP A 306 30.17 -26.27 5.62
C ASP A 306 28.95 -25.45 6.04
N THR A 307 28.01 -25.26 5.14
CA THR A 307 26.90 -24.29 5.34
C THR A 307 25.69 -25.04 5.86
N VAL A 308 25.35 -24.80 7.13
CA VAL A 308 24.20 -25.47 7.81
C VAL A 308 23.04 -24.49 7.93
N CYS A 309 21.88 -24.99 8.30
CA CYS A 309 20.71 -24.13 8.57
C CYS A 309 20.46 -24.08 10.07
N ARG A 310 20.71 -22.94 10.72
CA ARG A 310 20.45 -22.80 12.18
C ARG A 310 19.07 -22.18 12.39
N LEU A 311 18.26 -22.80 13.23
CA LEU A 311 16.87 -22.37 13.52
C LEU A 311 16.90 -21.62 14.85
N TYR A 312 16.22 -20.47 14.89
CA TYR A 312 16.13 -19.58 16.07
C TYR A 312 14.67 -19.30 16.42
N GLU A 313 14.38 -19.22 17.72
CA GLU A 313 13.15 -18.63 18.29
C GLU A 313 13.25 -17.11 18.14
N VAL A 314 12.22 -16.47 17.58
CA VAL A 314 12.17 -14.99 17.47
C VAL A 314 11.68 -14.40 18.78
N GLY A 315 10.47 -14.79 19.21
CA GLY A 315 9.81 -14.26 20.42
N ALA B 4 -12.06 -8.71 -11.12
CA ALA B 4 -11.59 -7.41 -10.57
C ALA B 4 -11.90 -7.28 -9.09
N PHE B 5 -13.00 -6.59 -8.76
CA PHE B 5 -13.53 -6.44 -7.37
C PHE B 5 -14.31 -7.70 -6.98
N ARG B 6 -13.77 -8.47 -6.04
CA ARG B 6 -14.39 -9.73 -5.55
C ARG B 6 -15.16 -9.44 -4.27
N PRO B 7 -16.51 -9.54 -4.26
CA PRO B 7 -17.25 -9.44 -3.00
C PRO B 7 -16.77 -10.49 -1.99
N ILE B 8 -16.51 -10.02 -0.77
CA ILE B 8 -15.93 -10.78 0.38
C ILE B 8 -16.99 -10.88 1.47
N SER B 9 -17.68 -9.77 1.76
CA SER B 9 -18.49 -9.64 2.97
C SER B 9 -19.57 -8.59 2.76
N VAL B 10 -20.70 -8.77 3.44
CA VAL B 10 -21.78 -7.74 3.50
C VAL B 10 -22.34 -7.74 4.91
N PHE B 11 -22.68 -6.57 5.43
CA PHE B 11 -23.29 -6.48 6.78
C PHE B 11 -24.07 -5.17 6.90
N ARG B 12 -25.04 -5.21 7.81
CA ARG B 12 -25.90 -4.07 8.14
C ARG B 12 -25.64 -3.65 9.59
N GLU B 13 -26.23 -2.52 9.99
CA GLU B 13 -26.16 -2.02 11.36
C GLU B 13 -26.94 -2.96 12.29
N ALA B 14 -26.26 -3.58 13.24
CA ALA B 14 -26.83 -4.45 14.29
C ALA B 14 -27.81 -3.67 15.18
N ASN B 15 -28.89 -4.33 15.60
CA ASN B 15 -29.86 -3.81 16.60
C ASN B 15 -30.55 -2.56 16.05
N GLU B 16 -30.95 -2.58 14.77
CA GLU B 16 -31.71 -1.47 14.14
C GLU B 16 -32.71 -2.03 13.13
N ASP B 17 -34.01 -1.75 13.33
CA ASP B 17 -35.09 -1.99 12.33
C ASP B 17 -34.48 -1.72 10.94
N GLU B 18 -34.02 -0.48 10.74
CA GLU B 18 -33.42 -0.02 9.47
C GLU B 18 -31.96 0.40 9.68
N SER B 19 -31.09 -0.13 8.84
CA SER B 19 -29.64 0.08 8.96
C SER B 19 -29.32 1.51 8.48
N GLY B 20 -28.53 2.23 9.26
CA GLY B 20 -28.29 3.68 9.05
C GLY B 20 -26.84 4.01 8.74
N PHE B 21 -26.01 3.06 8.31
CA PHE B 21 -24.62 3.43 7.92
C PHE B 21 -24.66 4.55 6.89
N THR B 22 -23.83 5.58 7.08
CA THR B 22 -23.74 6.70 6.12
C THR B 22 -22.33 6.95 5.58
N CYS B 23 -21.29 6.53 6.30
CA CYS B 23 -19.91 6.83 5.85
C CYS B 23 -18.95 5.86 6.52
N CYS B 24 -17.74 5.74 6.02
CA CYS B 24 -16.81 4.73 6.59
C CYS B 24 -15.36 5.10 6.32
N ALA B 25 -14.51 4.56 7.18
CA ALA B 25 -13.05 4.60 7.01
C ALA B 25 -12.45 3.43 7.76
N PHE B 26 -11.38 2.83 7.23
CA PHE B 26 -10.67 1.77 7.96
C PHE B 26 -9.94 2.36 9.18
N SER B 27 -10.03 1.65 10.30
CA SER B 27 -9.33 2.00 11.56
C SER B 27 -7.85 1.63 11.40
N ALA B 28 -7.01 2.01 12.38
CA ALA B 28 -5.58 1.68 12.41
C ALA B 28 -5.40 0.17 12.61
N ARG B 29 -6.34 -0.46 13.32
CA ARG B 29 -6.39 -1.92 13.57
C ARG B 29 -6.85 -2.66 12.29
N GLU B 30 -6.03 -3.59 11.80
CA GLU B 30 -6.42 -4.51 10.70
C GLU B 30 -7.69 -5.26 11.09
N ARG B 31 -8.64 -5.33 10.16
CA ARG B 31 -9.89 -6.12 10.26
C ARG B 31 -11.06 -5.24 10.72
N PHE B 32 -10.81 -3.98 11.14
CA PHE B 32 -11.85 -3.11 11.77
C PHE B 32 -12.12 -1.83 10.95
N LEU B 33 -13.41 -1.62 10.69
CA LEU B 33 -13.94 -0.46 9.93
C LEU B 33 -14.71 0.44 10.89
N MET B 34 -14.52 1.75 10.77
CA MET B 34 -15.33 2.76 11.47
C MET B 34 -16.44 3.23 10.53
N LEU B 35 -17.68 3.25 11.03
CA LEU B 35 -18.85 3.71 10.25
C LEU B 35 -19.58 4.78 11.04
N GLY B 36 -19.93 5.86 10.37
CA GLY B 36 -20.91 6.83 10.85
C GLY B 36 -22.33 6.40 10.55
N THR B 37 -23.32 6.88 11.31
CA THR B 37 -24.74 6.49 11.07
C THR B 37 -25.65 7.71 10.99
N CYS B 38 -26.85 7.48 10.49
CA CYS B 38 -27.82 8.56 10.20
C CYS B 38 -28.44 9.07 11.50
N THR B 39 -28.12 8.48 12.65
CA THR B 39 -28.59 8.97 13.97
C THR B 39 -27.43 9.53 14.78
N GLY B 40 -26.26 9.69 14.17
CA GLY B 40 -25.14 10.43 14.77
C GLY B 40 -24.19 9.56 15.56
N GLN B 41 -24.24 8.23 15.40
CA GLN B 41 -23.32 7.34 16.15
C GLN B 41 -22.09 6.99 15.29
N LEU B 42 -21.00 6.66 15.96
CA LEU B 42 -19.80 6.06 15.35
C LEU B 42 -19.76 4.59 15.78
N LYS B 43 -19.67 3.66 14.83
CA LYS B 43 -19.63 2.21 15.12
C LYS B 43 -18.29 1.65 14.64
N LEU B 44 -17.68 0.74 15.39
CA LEU B 44 -16.53 -0.08 14.94
CA LEU B 44 -16.54 -0.08 14.92
C LEU B 44 -17.06 -1.50 14.63
N TYR B 45 -16.82 -1.97 13.41
CA TYR B 45 -17.26 -3.33 12.96
C TYR B 45 -16.03 -4.11 12.55
N ASN B 46 -16.05 -5.41 12.85
CA ASN B 46 -15.19 -6.40 12.18
C ASN B 46 -15.73 -6.55 10.76
N VAL B 47 -14.95 -6.13 9.78
CA VAL B 47 -15.40 -6.00 8.37
C VAL B 47 -15.55 -7.41 7.74
N PHE B 48 -14.88 -8.43 8.28
CA PHE B 48 -14.93 -9.81 7.77
C PHE B 48 -16.11 -10.59 8.35
N SER B 49 -16.35 -10.49 9.65
CA SER B 49 -17.43 -11.22 10.35
C SER B 49 -18.73 -10.41 10.33
N GLY B 50 -18.65 -9.09 10.08
CA GLY B 50 -19.80 -8.18 10.08
C GLY B 50 -20.34 -7.92 11.47
N GLN B 51 -19.57 -8.22 12.52
CA GLN B 51 -20.05 -8.08 13.91
C GLN B 51 -19.64 -6.71 14.46
N GLU B 52 -20.56 -6.09 15.17
CA GLU B 52 -20.29 -4.80 15.84
C GLU B 52 -19.32 -5.05 17.00
N GLU B 53 -18.36 -4.18 17.19
CA GLU B 53 -17.38 -4.24 18.32
C GLU B 53 -17.71 -3.14 19.32
N ALA B 54 -17.97 -1.93 18.86
CA ALA B 54 -18.10 -0.77 19.76
C ALA B 54 -18.98 0.29 19.11
N SER B 55 -19.60 1.10 19.96
CA SER B 55 -20.50 2.19 19.54
C SER B 55 -20.23 3.43 20.42
N TYR B 56 -20.25 4.59 19.80
CA TYR B 56 -20.00 5.91 20.43
C TYR B 56 -21.01 6.92 19.90
N ASN B 57 -21.43 7.83 20.78
CA ASN B 57 -22.44 8.87 20.47
C ASN B 57 -21.69 10.16 20.09
N CYS B 58 -21.83 10.63 18.86
CA CYS B 58 -21.04 11.78 18.35
C CYS B 58 -21.92 13.00 18.10
N HIS B 59 -23.05 12.87 17.41
CA HIS B 59 -23.89 14.02 16.97
C HIS B 59 -25.36 13.67 17.15
N ASN B 60 -26.24 14.68 17.13
CA ASN B 60 -27.71 14.50 17.24
C ASN B 60 -28.33 14.53 15.84
N SER B 61 -27.52 14.37 14.79
CA SER B 61 -27.99 14.25 13.39
C SER B 61 -27.00 13.39 12.60
N ALA B 62 -27.39 13.05 11.38
CA ALA B 62 -26.64 12.09 10.53
C ALA B 62 -25.19 12.54 10.38
N ILE B 63 -24.26 11.60 10.55
CA ILE B 63 -22.82 11.78 10.20
C ILE B 63 -22.70 11.65 8.68
N THR B 64 -22.19 12.70 8.03
CA THR B 64 -22.04 12.73 6.56
C THR B 64 -20.67 12.19 6.14
N HIS B 65 -19.63 12.40 6.94
CA HIS B 65 -18.24 12.10 6.53
C HIS B 65 -17.39 11.98 7.78
N LEU B 66 -16.37 11.15 7.72
CA LEU B 66 -15.43 11.05 8.84
C LEU B 66 -14.04 10.74 8.30
N GLU B 67 -13.02 11.03 9.11
CA GLU B 67 -11.62 10.80 8.73
C GLU B 67 -10.83 10.51 9.99
N PRO B 68 -10.27 9.29 10.15
CA PRO B 68 -9.33 9.01 11.22
C PRO B 68 -7.93 9.56 10.89
N SER B 69 -7.19 9.98 11.91
CA SER B 69 -5.77 10.33 11.76
C SER B 69 -5.00 9.03 11.53
N ARG B 70 -3.91 9.10 10.78
CA ARG B 70 -3.06 7.91 10.46
C ARG B 70 -2.51 7.27 11.74
N ASP B 71 -2.28 8.03 12.81
CA ASP B 71 -1.69 7.46 14.06
C ASP B 71 -2.76 6.77 14.92
N GLY B 72 -4.05 6.91 14.59
CA GLY B 72 -5.18 6.24 15.29
C GLY B 72 -5.62 6.98 16.55
N SER B 73 -5.07 8.16 16.83
CA SER B 73 -5.33 8.91 18.09
C SER B 73 -6.56 9.80 17.93
N LEU B 74 -6.87 10.22 16.70
CA LEU B 74 -7.87 11.28 16.48
C LEU B 74 -8.83 10.90 15.35
N LEU B 75 -10.01 11.48 15.41
CA LEU B 75 -11.08 11.28 14.39
C LEU B 75 -11.77 12.62 14.15
N LEU B 76 -12.00 12.96 12.87
CA LEU B 76 -12.87 14.09 12.49
C LEU B 76 -14.22 13.51 12.07
N THR B 77 -15.31 14.10 12.52
CA THR B 77 -16.67 13.81 12.03
C THR B 77 -17.33 15.10 11.57
N SER B 78 -18.22 15.01 10.59
CA SER B 78 -19.15 16.09 10.18
C SER B 78 -20.58 15.56 10.22
N ALA B 79 -21.53 16.41 10.59
CA ALA B 79 -22.97 16.05 10.65
C ALA B 79 -23.80 16.97 9.76
N THR B 80 -25.12 16.86 9.85
CA THR B 80 -26.07 17.42 8.87
C THR B 80 -26.56 18.78 9.36
N TRP B 81 -27.20 18.83 10.53
CA TRP B 81 -27.81 20.08 11.07
C TRP B 81 -27.47 20.26 12.55
N SER B 82 -26.62 19.40 13.13
CA SER B 82 -26.18 19.47 14.54
CA SER B 82 -26.21 19.49 14.55
C SER B 82 -25.33 20.72 14.74
N GLN B 83 -25.32 21.25 15.97
CA GLN B 83 -24.36 22.29 16.44
C GLN B 83 -23.57 21.65 17.56
N PRO B 84 -22.24 21.41 17.45
CA PRO B 84 -21.44 21.84 16.30
C PRO B 84 -21.55 20.90 15.08
N LEU B 85 -21.31 21.43 13.86
CA LEU B 85 -21.47 20.62 12.61
C LEU B 85 -20.32 19.62 12.48
N SER B 86 -19.10 19.97 12.91
CA SER B 86 -17.92 19.08 12.81
C SER B 86 -17.20 19.05 14.16
N ALA B 87 -16.51 17.97 14.43
CA ALA B 87 -15.80 17.79 15.71
C ALA B 87 -14.59 16.89 15.53
N LEU B 88 -13.66 17.02 16.48
CA LEU B 88 -12.43 16.23 16.58
C LEU B 88 -12.56 15.41 17.87
N TRP B 89 -12.39 14.10 17.74
CA TRP B 89 -12.52 13.12 18.85
C TRP B 89 -11.15 12.52 19.15
N GLY B 90 -10.86 12.34 20.44
CA GLY B 90 -9.74 11.52 20.92
C GLY B 90 -10.17 10.08 21.00
N MET B 91 -9.31 9.17 20.55
CA MET B 91 -9.59 7.71 20.46
C MET B 91 -8.63 6.89 21.30
N LYS B 92 -7.82 7.52 22.18
CA LYS B 92 -6.86 6.84 23.08
C LYS B 92 -7.51 6.70 24.47
N SER B 93 -7.76 5.46 24.89
CA SER B 93 -8.33 5.08 26.21
C SER B 93 -9.80 5.49 26.29
N VAL B 94 -10.10 6.77 26.47
CA VAL B 94 -11.49 7.31 26.57
C VAL B 94 -11.81 8.07 25.28
N PHE B 95 -12.92 7.70 24.63
CA PHE B 95 -13.49 8.41 23.45
C PHE B 95 -14.14 9.71 23.95
N ASP B 96 -13.53 10.85 23.62
CA ASP B 96 -13.93 12.19 24.14
C ASP B 96 -13.82 13.21 23.01
N MET B 97 -14.68 14.23 23.01
CA MET B 97 -14.56 15.38 22.08
C MET B 97 -13.38 16.24 22.52
N LYS B 98 -12.40 16.43 21.64
CA LYS B 98 -11.22 17.31 21.84
C LYS B 98 -11.65 18.76 21.56
N HIS B 99 -12.12 19.01 20.34
CA HIS B 99 -12.51 20.36 19.86
C HIS B 99 -13.71 20.21 18.95
N SER B 100 -14.52 21.25 18.82
CA SER B 100 -15.61 21.35 17.83
C SER B 100 -15.30 22.48 16.82
N PHE B 101 -15.87 22.34 15.63
CA PHE B 101 -15.78 23.32 14.53
C PHE B 101 -17.24 23.65 14.18
N THR B 102 -17.79 24.64 14.88
CA THR B 102 -19.25 24.86 15.00
C THR B 102 -19.90 25.02 13.62
N GLU B 103 -19.33 25.83 12.73
CA GLU B 103 -20.00 26.27 11.48
C GLU B 103 -19.51 25.49 10.25
N ASP B 104 -18.56 24.57 10.38
CA ASP B 104 -17.95 23.89 9.21
C ASP B 104 -18.66 22.56 8.91
N HIS B 105 -19.23 22.42 7.73
CA HIS B 105 -19.99 21.20 7.34
C HIS B 105 -19.05 20.10 6.83
N TYR B 106 -17.78 20.42 6.62
CA TYR B 106 -16.77 19.45 6.13
C TYR B 106 -15.42 19.81 6.74
N VAL B 107 -14.67 18.80 7.15
CA VAL B 107 -13.34 18.98 7.78
C VAL B 107 -12.39 17.89 7.25
N GLU B 108 -11.11 18.24 7.14
CA GLU B 108 -10.03 17.29 6.79
C GLU B 108 -8.83 17.59 7.68
N PHE B 109 -8.00 16.58 7.93
CA PHE B 109 -6.66 16.81 8.53
C PHE B 109 -5.72 17.40 7.48
N SER B 110 -4.70 18.12 7.92
CA SER B 110 -3.47 18.37 7.12
C SER B 110 -2.87 17.01 6.77
N LYS B 111 -2.00 16.97 5.75
CA LYS B 111 -1.62 15.70 5.05
C LYS B 111 -0.29 15.17 5.60
N HIS B 112 0.76 15.98 5.62
CA HIS B 112 2.13 15.52 5.94
C HIS B 112 2.26 15.33 7.46
N SER B 113 2.16 16.44 8.20
CA SER B 113 2.09 16.47 9.67
C SER B 113 0.63 16.79 10.01
N GLN B 114 -0.06 15.87 10.68
CA GLN B 114 -1.51 16.02 10.97
C GLN B 114 -1.69 16.83 12.26
N ASP B 115 -1.25 18.08 12.24
CA ASP B 115 -1.28 19.01 13.40
C ASP B 115 -2.34 20.08 13.17
N ARG B 116 -3.02 20.08 12.02
CA ARG B 116 -4.07 21.07 11.73
C ARG B 116 -5.31 20.41 11.12
N VAL B 117 -6.43 21.09 11.23
CA VAL B 117 -7.72 20.75 10.57
C VAL B 117 -8.07 21.90 9.66
N ILE B 118 -8.54 21.56 8.46
CA ILE B 118 -9.13 22.55 7.52
C ILE B 118 -10.62 22.25 7.42
N GLY B 119 -11.44 23.26 7.74
CA GLY B 119 -12.89 23.20 7.67
C GLY B 119 -13.44 24.07 6.56
N THR B 120 -14.58 23.69 6.02
CA THR B 120 -15.25 24.43 4.94
C THR B 120 -16.64 24.86 5.41
N LYS B 121 -16.94 26.14 5.22
CA LYS B 121 -18.31 26.70 5.34
CA LYS B 121 -18.31 26.69 5.34
C LYS B 121 -18.62 27.40 4.03
N GLY B 122 -19.52 26.86 3.22
CA GLY B 122 -19.76 27.42 1.87
C GLY B 122 -18.46 27.58 1.12
N ASP B 123 -18.13 28.80 0.70
CA ASP B 123 -16.92 29.07 -0.12
C ASP B 123 -15.78 29.60 0.75
N ILE B 124 -15.85 29.40 2.07
CA ILE B 124 -14.87 29.89 3.07
C ILE B 124 -14.11 28.70 3.65
N ALA B 125 -12.79 28.79 3.76
CA ALA B 125 -11.98 27.79 4.50
C ALA B 125 -11.54 28.37 5.85
N HIS B 126 -11.52 27.50 6.86
CA HIS B 126 -11.05 27.77 8.24
C HIS B 126 -9.92 26.80 8.55
N ILE B 127 -8.77 27.30 9.02
CA ILE B 127 -7.65 26.42 9.44
C ILE B 127 -7.53 26.52 10.96
N TYR B 128 -7.49 25.35 11.61
CA TYR B 128 -7.47 25.22 13.09
C TYR B 128 -6.25 24.44 13.55
N ASP B 129 -5.76 24.79 14.73
CA ASP B 129 -4.66 24.06 15.43
C ASP B 129 -5.30 22.91 16.20
N ILE B 130 -4.79 21.69 16.05
CA ILE B 130 -5.37 20.49 16.73
C ILE B 130 -5.22 20.62 18.25
N GLN B 131 -4.08 21.12 18.73
CA GLN B 131 -3.75 21.17 20.19
C GLN B 131 -4.71 22.15 20.89
N THR B 132 -4.78 23.39 20.41
CA THR B 132 -5.59 24.47 21.04
C THR B 132 -7.04 24.45 20.55
N GLY B 133 -7.30 23.97 19.33
CA GLY B 133 -8.62 24.15 18.69
C GLY B 133 -8.80 25.53 18.08
N ASN B 134 -7.81 26.42 18.25
CA ASN B 134 -7.89 27.85 17.83
C ASN B 134 -7.99 27.93 16.30
N LYS B 135 -8.86 28.79 15.80
CA LYS B 135 -8.91 29.16 14.37
C LYS B 135 -7.70 30.03 14.06
N LEU B 136 -6.75 29.52 13.29
CA LEU B 136 -5.51 30.24 12.90
C LEU B 136 -5.80 31.16 11.71
N LEU B 137 -6.60 30.71 10.74
CA LEU B 137 -6.76 31.44 9.46
C LEU B 137 -8.19 31.28 8.95
N THR B 138 -8.69 32.32 8.29
CA THR B 138 -9.91 32.31 7.46
C THR B 138 -9.45 32.65 6.04
N LEU B 139 -9.74 31.78 5.08
CA LEU B 139 -9.31 31.97 3.67
C LEU B 139 -10.55 32.27 2.82
N PHE B 140 -10.69 33.51 2.39
CA PHE B 140 -11.72 33.94 1.44
C PHE B 140 -11.25 35.23 0.77
N ASN B 141 -11.28 35.25 -0.56
CA ASN B 141 -10.85 36.40 -1.40
C ASN B 141 -12.02 36.74 -2.30
N PRO B 142 -12.76 37.84 -2.05
CA PRO B 142 -13.96 38.16 -2.82
C PRO B 142 -13.72 38.37 -4.33
N ASP B 143 -12.50 38.75 -4.74
CA ASP B 143 -12.14 38.98 -6.17
C ASP B 143 -11.96 37.64 -6.90
N LEU B 144 -11.44 36.62 -6.22
CA LEU B 144 -10.98 35.37 -6.88
C LEU B 144 -12.00 34.25 -6.68
N ALA B 145 -13.05 34.48 -5.89
CA ALA B 145 -14.03 33.42 -5.54
C ALA B 145 -14.65 32.84 -6.81
N ASN B 146 -14.84 31.52 -6.84
CA ASN B 146 -15.58 30.82 -7.92
C ASN B 146 -17.01 30.52 -7.48
N ASN B 147 -17.31 30.64 -6.18
CA ASN B 147 -18.66 30.39 -5.63
C ASN B 147 -19.14 28.98 -5.98
N TYR B 148 -18.27 27.97 -5.89
CA TYR B 148 -18.67 26.56 -6.14
C TYR B 148 -19.70 26.12 -5.09
N LYS B 149 -20.77 25.47 -5.53
CA LYS B 149 -21.91 25.08 -4.64
C LYS B 149 -21.55 23.90 -3.74
N ARG B 150 -20.59 23.05 -4.09
CA ARG B 150 -20.18 21.86 -3.29
CA ARG B 150 -20.19 21.89 -3.24
C ARG B 150 -18.70 21.99 -2.92
N ASN B 151 -18.27 23.19 -2.57
CA ASN B 151 -16.86 23.49 -2.22
C ASN B 151 -16.41 22.62 -1.04
N CYS B 152 -15.18 22.12 -1.11
CA CYS B 152 -14.49 21.42 -0.01
C CYS B 152 -13.03 21.81 -0.01
N ALA B 153 -12.58 22.51 1.02
CA ALA B 153 -11.21 23.03 1.09
C ALA B 153 -10.26 21.90 1.54
N THR B 154 -9.03 21.95 1.07
CA THR B 154 -8.07 20.85 1.26
C THR B 154 -6.63 21.34 1.24
N PHE B 155 -5.77 20.72 2.06
CA PHE B 155 -4.30 20.91 2.01
C PHE B 155 -3.69 20.06 0.89
N ASN B 156 -2.55 20.49 0.36
CA ASN B 156 -1.71 19.69 -0.56
C ASN B 156 -0.85 18.72 0.26
N PRO B 157 -0.14 17.79 -0.40
CA PRO B 157 0.60 16.75 0.32
C PRO B 157 1.65 17.28 1.31
N THR B 158 2.18 18.48 1.10
CA THR B 158 3.25 19.04 1.97
C THR B 158 2.68 20.08 2.94
N ASP B 159 1.37 20.33 2.87
CA ASP B 159 0.64 21.27 3.77
C ASP B 159 1.06 22.72 3.53
N ASP B 160 1.82 23.02 2.47
CA ASP B 160 2.26 24.41 2.15
C ASP B 160 1.13 25.16 1.44
N LEU B 161 0.24 24.43 0.75
CA LEU B 161 -0.81 25.01 -0.12
C LEU B 161 -2.19 24.52 0.32
N VAL B 162 -3.19 25.36 0.08
CA VAL B 162 -4.62 25.00 0.24
C VAL B 162 -5.33 25.31 -1.06
N LEU B 163 -6.24 24.43 -1.46
CA LEU B 163 -7.21 24.72 -2.54
C LEU B 163 -8.55 24.99 -1.84
N ASN B 164 -9.08 26.18 -2.04
CA ASN B 164 -10.42 26.53 -1.52
C ASN B 164 -11.21 27.21 -2.64
N ASP B 165 -12.35 26.66 -3.02
CA ASP B 165 -13.24 27.28 -4.04
C ASP B 165 -12.44 27.52 -5.34
N GLY B 166 -11.54 26.61 -5.70
CA GLY B 166 -10.76 26.67 -6.95
C GLY B 166 -9.67 27.74 -6.91
N VAL B 167 -9.34 28.24 -5.72
CA VAL B 167 -8.27 29.25 -5.49
C VAL B 167 -7.15 28.56 -4.72
N LEU B 168 -5.92 28.73 -5.20
CA LEU B 168 -4.70 28.20 -4.56
C LEU B 168 -4.21 29.24 -3.56
N TRP B 169 -3.95 28.83 -2.33
CA TRP B 169 -3.51 29.72 -1.24
C TRP B 169 -2.13 29.27 -0.80
N ASP B 170 -1.22 30.22 -0.59
CA ASP B 170 0.02 29.97 0.18
C ASP B 170 -0.33 30.08 1.67
N VAL B 171 -0.21 28.98 2.40
CA VAL B 171 -0.66 28.90 3.82
C VAL B 171 0.17 29.85 4.71
N ARG B 172 1.49 29.86 4.55
CA ARG B 172 2.40 30.65 5.44
C ARG B 172 2.08 32.16 5.35
N SER B 173 1.85 32.69 4.13
CA SER B 173 1.58 34.13 3.88
C SER B 173 0.09 34.43 3.95
N ALA B 174 -0.75 33.39 3.93
CA ALA B 174 -2.22 33.47 3.91
C ALA B 174 -2.65 34.32 2.71
N GLN B 175 -1.99 34.16 1.58
CA GLN B 175 -2.22 34.91 0.32
C GLN B 175 -2.74 33.97 -0.78
N ALA B 176 -3.76 34.39 -1.51
CA ALA B 176 -4.22 33.69 -2.74
C ALA B 176 -3.15 33.89 -3.81
N ILE B 177 -2.61 32.83 -4.41
CA ILE B 177 -1.52 32.92 -5.42
C ILE B 177 -2.04 32.62 -6.81
N HIS B 178 -3.18 31.96 -6.96
CA HIS B 178 -3.74 31.70 -8.30
C HIS B 178 -5.20 31.32 -8.18
N LYS B 179 -6.04 31.85 -9.07
CA LYS B 179 -7.44 31.40 -9.26
C LYS B 179 -7.50 30.54 -10.51
N PHE B 180 -7.94 29.29 -10.39
CA PHE B 180 -8.26 28.41 -11.54
C PHE B 180 -9.62 28.82 -12.08
N ASP B 181 -9.73 29.02 -13.39
CA ASP B 181 -10.98 29.49 -14.04
C ASP B 181 -12.08 28.45 -13.84
N LYS B 182 -13.32 28.89 -13.86
CA LYS B 182 -14.50 28.05 -13.52
C LYS B 182 -15.07 27.37 -14.76
N PHE B 183 -15.30 26.07 -14.70
CA PHE B 183 -15.87 25.28 -15.83
C PHE B 183 -17.15 24.57 -15.41
N ASN B 184 -17.49 24.56 -14.11
CA ASN B 184 -18.65 23.80 -13.61
C ASN B 184 -19.25 24.55 -12.41
N MET B 185 -20.47 24.18 -12.00
CA MET B 185 -21.19 24.92 -10.93
C MET B 185 -20.80 24.44 -9.52
N ASN B 186 -20.31 23.20 -9.35
CA ASN B 186 -20.34 22.50 -8.03
C ASN B 186 -18.96 22.14 -7.48
N ILE B 187 -18.14 21.45 -8.28
CA ILE B 187 -16.90 20.75 -7.81
C ILE B 187 -15.73 21.75 -7.78
N SER B 188 -15.02 21.83 -6.64
CA SER B 188 -13.95 22.81 -6.33
C SER B 188 -12.55 22.20 -6.49
N GLY B 189 -12.42 20.88 -6.35
CA GLY B 189 -11.18 20.17 -6.73
C GLY B 189 -10.30 19.72 -5.57
N VAL B 190 -9.30 18.91 -5.92
CA VAL B 190 -8.37 18.25 -4.96
C VAL B 190 -6.95 18.31 -5.51
N PHE B 191 -5.96 18.05 -4.66
CA PHE B 191 -4.58 17.85 -5.16
C PHE B 191 -4.36 16.37 -5.48
N HIS B 192 -3.60 16.13 -6.53
CA HIS B 192 -3.03 14.80 -6.80
C HIS B 192 -1.98 14.52 -5.74
N PRO B 193 -1.91 13.31 -5.15
CA PRO B 193 -0.89 12.97 -4.17
C PRO B 193 0.54 13.09 -4.73
N ASN B 194 0.70 13.16 -6.06
CA ASN B 194 2.06 13.34 -6.64
C ASN B 194 2.60 14.74 -6.29
N GLY B 195 1.76 15.66 -5.82
CA GLY B 195 2.16 17.03 -5.47
C GLY B 195 2.40 17.95 -6.66
N LEU B 196 2.10 17.51 -7.88
CA LEU B 196 2.43 18.26 -9.12
C LEU B 196 1.19 18.75 -9.86
N GLU B 197 0.01 18.21 -9.56
CA GLU B 197 -1.22 18.44 -10.35
C GLU B 197 -2.37 18.75 -9.40
N VAL B 198 -3.34 19.56 -9.85
N VAL B 198 -3.32 19.55 -9.91
CA VAL B 198 -4.64 19.72 -9.13
CA VAL B 198 -4.63 19.87 -9.30
C VAL B 198 -5.78 19.37 -10.09
C VAL B 198 -5.71 19.21 -10.18
N ILE B 199 -6.70 18.57 -9.57
CA ILE B 199 -7.84 17.95 -10.29
C ILE B 199 -9.08 18.74 -9.90
N ILE B 200 -9.63 19.56 -10.80
CA ILE B 200 -10.82 20.39 -10.51
C ILE B 200 -11.93 19.96 -11.48
N ASN B 201 -12.80 19.06 -11.04
CA ASN B 201 -13.87 18.47 -11.88
C ASN B 201 -13.17 17.78 -13.06
N THR B 202 -13.44 18.18 -14.30
CA THR B 202 -12.88 17.51 -15.50
C THR B 202 -11.50 18.08 -15.87
N GLU B 203 -11.04 19.15 -15.22
CA GLU B 203 -9.78 19.85 -15.62
C GLU B 203 -8.63 19.35 -14.74
N ILE B 204 -7.51 18.96 -15.35
CA ILE B 204 -6.24 18.62 -14.64
C ILE B 204 -5.26 19.77 -14.89
N TRP B 205 -4.86 20.48 -13.84
CA TRP B 205 -3.96 21.66 -13.96
C TRP B 205 -2.55 21.26 -13.48
N ASP B 206 -1.54 21.73 -14.20
CA ASP B 206 -0.13 21.70 -13.73
C ASP B 206 0.07 22.76 -12.64
N LEU B 207 0.57 22.36 -11.47
CA LEU B 207 0.85 23.33 -10.37
C LEU B 207 2.03 24.23 -10.69
N ARG B 208 2.99 23.78 -11.51
CA ARG B 208 4.18 24.60 -11.84
C ARG B 208 3.72 25.78 -12.72
N THR B 209 3.10 25.47 -13.85
CA THR B 209 2.81 26.40 -14.96
C THR B 209 1.40 26.99 -14.86
N PHE B 210 0.52 26.35 -14.08
CA PHE B 210 -0.95 26.63 -14.04
C PHE B 210 -1.59 26.37 -15.42
N HIS B 211 -0.93 25.63 -16.29
CA HIS B 211 -1.42 25.23 -17.64
C HIS B 211 -2.36 24.01 -17.52
N LEU B 212 -3.36 23.95 -18.40
CA LEU B 212 -4.29 22.81 -18.52
C LEU B 212 -3.55 21.62 -19.16
N LEU B 213 -3.45 20.51 -18.44
CA LEU B 213 -2.70 19.29 -18.87
C LEU B 213 -3.64 18.32 -19.58
N HIS B 214 -4.81 18.09 -19.02
CA HIS B 214 -5.79 17.08 -19.49
C HIS B 214 -7.20 17.56 -19.18
N THR B 215 -8.14 17.13 -19.99
CA THR B 215 -9.59 17.17 -19.72
C THR B 215 -10.06 15.73 -19.60
N VAL B 216 -10.78 15.39 -18.52
CA VAL B 216 -11.27 14.01 -18.26
C VAL B 216 -12.77 14.10 -18.03
N PRO B 217 -13.59 14.06 -19.10
CA PRO B 217 -15.02 14.28 -18.95
C PRO B 217 -15.72 13.34 -17.95
N ALA B 218 -15.21 12.12 -17.77
CA ALA B 218 -15.83 11.10 -16.89
C ALA B 218 -15.77 11.56 -15.42
N LEU B 219 -14.96 12.56 -15.08
CA LEU B 219 -14.85 13.03 -13.67
C LEU B 219 -15.90 14.08 -13.36
N ASP B 220 -16.74 14.45 -14.32
CA ASP B 220 -17.75 15.52 -14.11
C ASP B 220 -18.61 15.19 -12.90
N GLN B 221 -18.68 16.13 -11.96
CA GLN B 221 -19.52 16.11 -10.74
C GLN B 221 -19.07 15.00 -9.77
N CYS B 222 -17.83 14.54 -9.87
CA CYS B 222 -17.34 13.45 -8.99
C CYS B 222 -16.64 13.99 -7.76
N ARG B 223 -16.88 13.33 -6.63
CA ARG B 223 -15.89 13.29 -5.53
C ARG B 223 -14.86 12.23 -5.89
N VAL B 224 -13.62 12.45 -5.46
CA VAL B 224 -12.42 11.64 -5.82
CA VAL B 224 -12.54 11.49 -5.78
C VAL B 224 -11.74 11.16 -4.52
N VAL B 225 -11.21 9.96 -4.52
CA VAL B 225 -10.30 9.52 -3.43
C VAL B 225 -9.25 8.62 -4.09
N PHE B 226 -8.02 8.73 -3.66
CA PHE B 226 -6.93 7.86 -4.17
C PHE B 226 -6.71 6.72 -3.19
N ASN B 227 -6.25 5.59 -3.69
CA ASN B 227 -5.72 4.53 -2.80
C ASN B 227 -4.47 5.09 -2.12
N HIS B 228 -4.00 4.43 -1.07
CA HIS B 228 -2.91 4.97 -0.21
C HIS B 228 -1.61 5.03 -1.00
N THR B 229 -1.38 4.09 -1.92
N THR B 229 -1.37 4.11 -1.94
CA THR B 229 -0.17 3.98 -2.78
CA THR B 229 -0.11 4.03 -2.73
C THR B 229 -0.15 5.12 -3.81
C THR B 229 -0.18 4.97 -3.94
N GLY B 230 -1.31 5.66 -4.15
CA GLY B 230 -1.45 6.72 -5.16
C GLY B 230 -1.45 6.19 -6.59
N THR B 231 -1.88 4.94 -6.82
CA THR B 231 -1.88 4.30 -8.15
C THR B 231 -3.26 4.27 -8.79
N VAL B 232 -4.32 4.38 -7.99
CA VAL B 232 -5.72 4.30 -8.49
C VAL B 232 -6.50 5.48 -7.91
N MET B 233 -7.28 6.13 -8.77
CA MET B 233 -8.22 7.19 -8.34
C MET B 233 -9.65 6.65 -8.49
N TYR B 234 -10.45 6.73 -7.42
CA TYR B 234 -11.89 6.39 -7.40
C TYR B 234 -12.70 7.67 -7.55
N GLY B 235 -13.70 7.68 -8.43
CA GLY B 235 -14.59 8.84 -8.55
C GLY B 235 -16.02 8.37 -8.54
N ALA B 236 -16.91 9.10 -7.89
CA ALA B 236 -18.35 8.80 -7.93
C ALA B 236 -19.11 10.10 -8.16
N MET B 237 -20.06 10.06 -9.09
CA MET B 237 -20.83 11.25 -9.45
C MET B 237 -21.86 11.55 -8.34
N LEU B 238 -21.89 12.79 -7.89
CA LEU B 238 -22.89 13.23 -6.89
C LEU B 238 -24.29 13.06 -7.50
N GLN B 239 -25.29 12.85 -6.66
CA GLN B 239 -26.72 12.94 -7.06
C GLN B 239 -27.03 14.36 -7.51
N LYS B 252 -31.77 11.46 1.15
CA LYS B 252 -31.16 11.34 -0.20
C LYS B 252 -29.72 10.84 -0.06
N SER B 253 -29.29 9.93 -0.94
CA SER B 253 -27.88 9.48 -0.98
C SER B 253 -27.03 10.59 -1.57
N PRO B 254 -25.76 10.73 -1.12
CA PRO B 254 -24.86 11.71 -1.74
C PRO B 254 -24.51 11.34 -3.18
N PHE B 255 -24.43 10.06 -3.54
CA PHE B 255 -24.01 9.61 -4.88
C PHE B 255 -25.11 8.83 -5.60
N GLY B 256 -24.91 8.67 -6.89
CA GLY B 256 -25.66 7.70 -7.70
C GLY B 256 -25.18 6.30 -7.45
N SER B 257 -25.42 5.40 -8.40
CA SER B 257 -25.22 3.93 -8.22
C SER B 257 -23.88 3.49 -8.79
N SER B 258 -23.06 4.39 -9.34
CA SER B 258 -21.77 3.96 -9.96
C SER B 258 -20.58 4.69 -9.34
N PHE B 259 -19.47 3.99 -9.30
CA PHE B 259 -18.14 4.62 -9.12
C PHE B 259 -17.27 4.17 -10.30
N ARG B 260 -16.25 4.95 -10.56
CA ARG B 260 -15.31 4.67 -11.67
CA ARG B 260 -15.30 4.79 -11.70
C ARG B 260 -13.89 4.70 -11.10
N THR B 261 -13.02 3.83 -11.66
CA THR B 261 -11.59 3.84 -11.29
C THR B 261 -10.79 4.37 -12.48
N PHE B 262 -9.68 5.03 -12.18
CA PHE B 262 -8.76 5.60 -13.17
C PHE B 262 -7.34 5.28 -12.73
N ASN B 263 -6.47 5.09 -13.72
CA ASN B 263 -5.01 5.00 -13.49
C ASN B 263 -4.54 6.38 -13.04
N ALA B 264 -4.02 6.51 -11.80
CA ALA B 264 -3.58 7.80 -11.24
C ALA B 264 -2.38 8.39 -12.00
N THR B 265 -1.64 7.57 -12.75
CA THR B 265 -0.40 8.02 -13.45
C THR B 265 -0.74 8.68 -14.78
N ASP B 266 -1.83 8.32 -15.46
CA ASP B 266 -2.16 8.85 -16.82
C ASP B 266 -3.65 9.20 -16.98
N TYR B 267 -4.45 9.09 -15.91
CA TYR B 267 -5.91 9.40 -15.87
C TYR B 267 -6.71 8.51 -16.83
N LYS B 268 -6.15 7.42 -17.35
CA LYS B 268 -6.89 6.50 -18.26
C LYS B 268 -7.92 5.75 -17.42
N PRO B 269 -9.19 5.67 -17.87
CA PRO B 269 -10.19 4.85 -17.18
C PRO B 269 -9.73 3.39 -17.06
N ILE B 270 -10.04 2.76 -15.92
CA ILE B 270 -9.82 1.31 -15.68
C ILE B 270 -11.17 0.60 -15.72
N ALA B 271 -12.09 0.96 -14.82
CA ALA B 271 -13.37 0.25 -14.62
C ALA B 271 -14.49 1.25 -14.34
N THR B 272 -15.70 0.94 -14.81
CA THR B 272 -16.96 1.60 -14.37
C THR B 272 -17.78 0.54 -13.66
N ILE B 273 -18.03 0.74 -12.37
CA ILE B 273 -18.74 -0.24 -11.49
C ILE B 273 -20.12 0.33 -11.19
N ASP B 274 -21.18 -0.28 -11.72
CA ASP B 274 -22.56 0.12 -11.39
C ASP B 274 -23.16 -0.91 -10.42
N VAL B 275 -23.34 -0.50 -9.17
CA VAL B 275 -23.80 -1.40 -8.08
C VAL B 275 -25.33 -1.43 -8.06
N LYS B 276 -26.00 -0.62 -8.91
CA LYS B 276 -27.48 -0.57 -9.12
C LYS B 276 -28.19 -0.16 -7.82
N ARG B 277 -27.43 0.43 -6.89
CA ARG B 277 -27.92 0.85 -5.56
C ARG B 277 -27.24 2.18 -5.28
N ASN B 278 -27.92 3.15 -4.66
CA ASN B 278 -27.28 4.46 -4.36
C ASN B 278 -26.12 4.26 -3.38
N ILE B 279 -25.00 4.91 -3.67
CA ILE B 279 -23.77 4.84 -2.84
C ILE B 279 -23.76 5.99 -1.84
N PHE B 280 -23.37 5.71 -0.59
CA PHE B 280 -23.17 6.71 0.46
C PHE B 280 -21.69 7.02 0.65
N ASP B 281 -20.81 6.03 0.54
CA ASP B 281 -19.36 6.28 0.77
C ASP B 281 -18.57 5.08 0.27
N LEU B 282 -17.27 5.31 0.12
CA LEU B 282 -16.29 4.31 -0.34
C LEU B 282 -14.97 4.59 0.39
N CYS B 283 -14.23 3.54 0.72
CA CYS B 283 -12.86 3.71 1.28
C CYS B 283 -12.03 2.47 1.02
N THR B 284 -10.71 2.61 1.08
N THR B 284 -10.71 2.60 1.06
CA THR B 284 -9.76 1.48 0.96
CA THR B 284 -9.78 1.46 0.97
C THR B 284 -8.98 1.35 2.27
C THR B 284 -9.00 1.34 2.27
N ASP B 285 -8.48 0.15 2.55
CA ASP B 285 -7.68 -0.10 3.76
C ASP B 285 -6.28 0.46 3.54
N THR B 286 -5.49 0.53 4.61
CA THR B 286 -4.10 1.03 4.59
CA THR B 286 -4.13 1.12 4.51
C THR B 286 -3.26 0.35 3.51
N LYS B 287 -3.47 -0.95 3.35
CA LYS B 287 -2.70 -1.80 2.40
C LYS B 287 -3.36 -1.84 1.00
N ASP B 288 -4.46 -1.12 0.77
CA ASP B 288 -5.08 -0.97 -0.59
C ASP B 288 -5.47 -2.35 -1.14
N CYS B 289 -5.76 -3.29 -0.25
CA CYS B 289 -6.17 -4.69 -0.58
CA CYS B 289 -6.17 -4.67 -0.61
C CYS B 289 -7.69 -4.74 -0.75
N TYR B 290 -8.40 -3.89 -0.01
CA TYR B 290 -9.86 -3.99 0.15
C TYR B 290 -10.52 -2.68 -0.20
N LEU B 291 -11.78 -2.79 -0.64
CA LEU B 291 -12.66 -1.62 -0.86
C LEU B 291 -13.92 -1.86 -0.03
N ALA B 292 -14.30 -0.89 0.81
CA ALA B 292 -15.57 -0.93 1.56
C ALA B 292 -16.49 0.12 0.93
N VAL B 293 -17.70 -0.28 0.57
CA VAL B 293 -18.70 0.62 -0.06
C VAL B 293 -19.98 0.55 0.77
N ILE B 294 -20.58 1.70 1.08
CA ILE B 294 -21.91 1.75 1.75
CA ILE B 294 -21.92 1.73 1.74
C ILE B 294 -22.95 1.99 0.65
N GLU B 295 -23.95 1.10 0.55
N GLU B 295 -23.99 1.17 0.58
CA GLU B 295 -25.01 1.11 -0.50
CA GLU B 295 -25.02 1.34 -0.46
C GLU B 295 -26.36 1.07 0.20
C GLU B 295 -26.38 1.01 0.12
N ASN B 296 -27.38 1.73 -0.36
CA ASN B 296 -28.76 1.62 0.15
C ASN B 296 -29.39 0.43 -0.55
N GLN B 297 -30.03 -0.45 0.22
CA GLN B 297 -30.66 -1.67 -0.34
C GLN B 297 -31.99 -1.36 -1.03
N GLY B 298 -32.40 -2.26 -1.94
CA GLY B 298 -33.79 -2.38 -2.42
C GLY B 298 -33.95 -2.00 -3.87
N SER B 299 -33.60 -0.75 -4.19
CA SER B 299 -33.86 -0.09 -5.50
C SER B 299 -33.15 1.26 -5.53
N MET B 300 -32.91 1.77 -6.74
CA MET B 300 -32.45 3.16 -6.98
C MET B 300 -33.46 4.14 -6.37
N ASP B 301 -32.97 5.17 -5.69
CA ASP B 301 -33.77 6.28 -5.13
C ASP B 301 -34.83 5.72 -4.16
N ALA B 302 -34.47 4.66 -3.43
CA ALA B 302 -35.33 3.99 -2.42
C ALA B 302 -35.86 5.05 -1.44
N LEU B 303 -37.17 5.00 -1.16
CA LEU B 303 -37.89 5.96 -0.30
C LEU B 303 -37.43 5.81 1.16
N ASN B 304 -36.85 4.66 1.53
CA ASN B 304 -36.40 4.41 2.93
C ASN B 304 -34.92 4.04 2.98
N MET B 305 -34.35 4.21 4.17
CA MET B 305 -32.90 4.11 4.46
C MET B 305 -32.63 2.75 5.09
N ASP B 306 -31.90 1.87 4.41
CA ASP B 306 -31.56 0.54 4.96
C ASP B 306 -30.25 0.12 4.30
N THR B 307 -29.15 0.70 4.74
CA THR B 307 -27.87 0.54 4.02
C THR B 307 -27.12 -0.70 4.47
N VAL B 308 -26.26 -1.19 3.59
CA VAL B 308 -25.29 -2.23 3.96
C VAL B 308 -23.90 -1.69 3.67
N CYS B 309 -22.92 -2.29 4.32
CA CYS B 309 -21.49 -2.16 3.93
C CYS B 309 -21.11 -3.41 3.16
N ARG B 310 -20.62 -3.24 1.93
CA ARG B 310 -20.07 -4.35 1.15
C ARG B 310 -18.56 -4.23 1.15
N LEU B 311 -17.87 -5.33 1.45
CA LEU B 311 -16.39 -5.41 1.38
C LEU B 311 -16.00 -6.15 0.12
N TYR B 312 -15.12 -5.58 -0.68
CA TYR B 312 -14.56 -6.22 -1.90
C TYR B 312 -13.05 -6.39 -1.71
N GLU B 313 -12.51 -7.47 -2.25
CA GLU B 313 -11.05 -7.57 -2.47
C GLU B 313 -10.74 -6.96 -3.84
N VAL B 314 -9.80 -6.01 -3.93
CA VAL B 314 -9.43 -5.36 -5.22
C VAL B 314 -8.62 -6.37 -6.04
N GLY B 315 -8.76 -6.37 -7.37
CA GLY B 315 -7.98 -7.25 -8.27
C GLY B 315 -6.48 -7.05 -8.07
#